data_4GPO
#
_entry.id   4GPO
#
_cell.length_a   229.660
_cell.length_b   79.590
_cell.length_c   69.040
_cell.angle_alpha   90.00
_cell.angle_beta   101.83
_cell.angle_gamma   90.00
#
_symmetry.space_group_name_H-M   'C 1 2 1'
#
_entity_poly.entity_id   1
_entity_poly.type   'polypeptide(L)'
_entity_poly.pdbx_seq_one_letter_code
;MGAELLSQQWEAGMSLLMALVVLLIVAGNVLVIAAIGSTQRLQTLTNLFITSLACADLVVGLLVVPFGATLVVRGTWLWG
SFLCELWTSLDVLCVTASIETLCVIAIDRYLAITSPFRYQSLMTRARAKVIICTVWAISALVSFLPIMMHWWRDEDPQAL
KCYQDPGCCDFVTNRAYAIASSIISFYIPLLIMIFVALRVYREAKEQIRKIDRASKRKRVMLMREHKALKTLGIIMGVFT
LCWLPFFLVNIVNVFNRDLVPDWLFVAFNWLGYANSAMNPIIYCRSPDFRKAFKRLLAFPRKADRRLHHHHHH
;
_entity_poly.pdbx_strand_id   A,B
#
# COMPACT_ATOMS: atom_id res chain seq x y z
N LEU A 6 -8.35 12.78 -21.38
CA LEU A 6 -8.53 11.44 -20.83
C LEU A 6 -7.20 10.81 -20.41
N SER A 7 -6.12 11.20 -21.08
CA SER A 7 -4.82 10.58 -20.85
C SER A 7 -4.20 10.94 -19.51
N GLN A 8 -4.45 12.17 -19.04
CA GLN A 8 -3.91 12.62 -17.76
C GLN A 8 -4.68 12.03 -16.58
N GLN A 9 -5.88 11.54 -16.86
CA GLN A 9 -6.70 10.86 -15.85
C GLN A 9 -6.23 9.43 -15.68
N TRP A 10 -5.63 8.87 -16.73
CA TRP A 10 -4.98 7.58 -16.62
C TRP A 10 -3.58 7.72 -16.03
N GLU A 11 -2.84 8.74 -16.45
CA GLU A 11 -1.50 9.02 -15.93
C GLU A 11 -1.47 9.07 -14.41
N ALA A 12 -2.43 9.79 -13.82
CA ALA A 12 -2.57 9.81 -12.37
C ALA A 12 -3.56 8.76 -11.89
N GLY A 13 -4.27 8.13 -12.84
CA GLY A 13 -5.29 7.14 -12.51
C GLY A 13 -4.76 5.79 -12.04
N MET A 14 -3.85 5.21 -12.81
CA MET A 14 -3.26 3.92 -12.45
C MET A 14 -1.90 3.98 -11.77
N SER A 15 -1.36 5.17 -11.58
CA SER A 15 -0.12 5.36 -10.85
C SER A 15 -0.31 4.93 -9.40
N LEU A 16 -1.40 5.42 -8.80
CA LEU A 16 -1.80 4.99 -7.47
C LEU A 16 -1.84 3.47 -7.42
N LEU A 17 -2.58 2.87 -8.34
CA LEU A 17 -2.78 1.42 -8.36
C LEU A 17 -1.49 0.60 -8.48
N MET A 18 -0.67 0.96 -9.46
CA MET A 18 0.65 0.35 -9.59
C MET A 18 1.38 0.43 -8.25
N ALA A 19 1.33 1.60 -7.60
CA ALA A 19 1.93 1.75 -6.27
C ALA A 19 1.34 0.73 -5.27
N LEU A 20 0.05 0.44 -5.41
CA LEU A 20 -0.60 -0.54 -4.54
C LEU A 20 -0.06 -1.95 -4.74
N VAL A 21 0.08 -2.37 -5.99
CA VAL A 21 0.68 -3.67 -6.28
C VAL A 21 2.12 -3.73 -5.75
N VAL A 22 2.85 -2.62 -5.91
CA VAL A 22 4.16 -2.49 -5.28
C VAL A 22 4.05 -2.87 -3.81
N LEU A 23 3.10 -2.27 -3.09
CA LEU A 23 2.90 -2.63 -1.67
C LEU A 23 2.60 -4.11 -1.46
N LEU A 24 1.84 -4.71 -2.37
CA LEU A 24 1.62 -6.14 -2.29
C LEU A 24 2.95 -6.85 -2.22
N ILE A 25 3.88 -6.42 -3.08
CA ILE A 25 5.19 -7.08 -3.16
C ILE A 25 6.10 -6.77 -1.96
N VAL A 26 6.51 -5.51 -1.84
CA VAL A 26 7.39 -5.08 -0.77
C VAL A 26 6.87 -5.48 0.61
N ALA A 27 5.56 -5.46 0.79
CA ALA A 27 5.00 -5.92 2.05
C ALA A 27 5.06 -7.45 2.10
N GLY A 28 4.27 -8.11 1.25
CA GLY A 28 4.09 -9.54 1.31
C GLY A 28 5.38 -10.33 1.38
N ASN A 29 6.27 -10.08 0.43
CA ASN A 29 7.52 -10.81 0.36
C ASN A 29 8.36 -10.64 1.61
N VAL A 30 8.35 -9.45 2.18
CA VAL A 30 9.17 -9.16 3.34
C VAL A 30 8.54 -9.64 4.64
N LEU A 31 7.22 -9.85 4.66
CA LEU A 31 6.57 -10.46 5.82
C LEU A 31 6.82 -11.96 5.77
N VAL A 32 6.87 -12.49 4.55
CA VAL A 32 7.36 -13.85 4.35
C VAL A 32 8.77 -14.00 4.89
N ILE A 33 9.68 -13.16 4.41
CA ILE A 33 11.07 -13.17 4.83
C ILE A 33 11.20 -13.02 6.34
N ALA A 34 10.37 -12.15 6.91
CA ALA A 34 10.34 -11.92 8.34
C ALA A 34 10.01 -13.21 9.09
N ALA A 35 8.87 -13.81 8.77
CA ALA A 35 8.47 -15.03 9.47
C ALA A 35 9.43 -16.20 9.18
N ILE A 36 10.19 -16.12 8.09
CA ILE A 36 11.16 -17.17 7.80
C ILE A 36 12.39 -17.03 8.69
N GLY A 37 13.16 -15.97 8.46
CA GLY A 37 14.42 -15.78 9.15
C GLY A 37 14.28 -15.79 10.66
N SER A 38 13.10 -15.39 11.16
CA SER A 38 12.88 -15.25 12.59
C SER A 38 12.18 -16.44 13.28
N THR A 39 11.86 -17.50 12.55
CA THR A 39 11.29 -18.70 13.17
C THR A 39 12.07 -19.97 12.85
N GLN A 40 12.15 -20.86 13.84
CA GLN A 40 12.91 -22.10 13.68
C GLN A 40 12.21 -23.08 12.76
N ARG A 41 10.91 -23.29 13.00
CA ARG A 41 10.12 -24.28 12.25
C ARG A 41 10.06 -24.01 10.74
N LEU A 42 10.30 -22.75 10.38
CA LEU A 42 10.29 -22.34 8.98
C LEU A 42 11.70 -22.28 8.39
N GLN A 43 12.70 -22.65 9.19
CA GLN A 43 14.10 -22.57 8.79
C GLN A 43 14.64 -23.84 8.11
N THR A 44 13.73 -24.76 7.84
CA THR A 44 14.06 -25.94 7.04
C THR A 44 14.71 -25.48 5.73
N LEU A 45 15.71 -26.23 5.24
CA LEU A 45 16.46 -25.82 4.06
C LEU A 45 15.53 -25.39 2.94
N THR A 46 14.54 -26.22 2.65
CA THR A 46 13.67 -26.02 1.50
C THR A 46 13.01 -24.65 1.57
N ASN A 47 13.05 -24.02 2.75
CA ASN A 47 12.59 -22.65 2.91
C ASN A 47 13.72 -21.61 2.84
N LEU A 48 14.95 -22.07 2.68
CA LEU A 48 16.08 -21.17 2.46
C LEU A 48 16.16 -20.77 0.99
N PHE A 49 15.74 -21.66 0.11
CA PHE A 49 15.59 -21.34 -1.30
C PHE A 49 14.41 -20.39 -1.41
N ILE A 50 13.49 -20.50 -0.45
CA ILE A 50 12.36 -19.58 -0.39
C ILE A 50 12.75 -18.26 0.25
N THR A 51 13.83 -18.29 1.03
CA THR A 51 14.47 -17.08 1.54
C THR A 51 15.03 -16.29 0.36
N SER A 52 15.90 -16.95 -0.41
CA SER A 52 16.45 -16.36 -1.61
C SER A 52 15.35 -15.87 -2.54
N LEU A 53 14.34 -16.70 -2.76
CA LEU A 53 13.30 -16.34 -3.72
C LEU A 53 12.47 -15.15 -3.25
N ALA A 54 12.10 -15.15 -1.97
CA ALA A 54 11.40 -13.99 -1.43
C ALA A 54 12.28 -12.79 -1.69
N CYS A 55 13.59 -13.01 -1.62
CA CYS A 55 14.54 -11.93 -1.92
C CYS A 55 14.39 -11.45 -3.36
N ALA A 56 14.60 -12.33 -4.34
CA ALA A 56 14.54 -11.91 -5.74
C ALA A 56 13.22 -11.20 -5.98
N ASP A 57 12.13 -11.84 -5.57
CA ASP A 57 10.79 -11.27 -5.74
C ASP A 57 10.71 -9.88 -5.12
N LEU A 58 11.43 -9.71 -4.02
CA LEU A 58 11.44 -8.44 -3.32
C LEU A 58 12.17 -7.36 -4.10
N VAL A 59 13.41 -7.61 -4.49
CA VAL A 59 14.15 -6.67 -5.31
C VAL A 59 13.30 -6.30 -6.52
N VAL A 60 12.53 -7.27 -7.02
CA VAL A 60 11.58 -7.01 -8.11
C VAL A 60 10.63 -5.89 -7.71
N GLY A 61 9.94 -6.10 -6.59
CA GLY A 61 8.94 -5.14 -6.13
C GLY A 61 9.53 -3.93 -5.43
N LEU A 62 10.85 -3.78 -5.54
CA LEU A 62 11.54 -2.69 -4.88
C LEU A 62 12.24 -1.81 -5.92
N LEU A 63 13.24 -2.35 -6.60
CA LEU A 63 13.94 -1.63 -7.68
C LEU A 63 13.32 -1.69 -9.08
N VAL A 64 12.79 -2.85 -9.49
CA VAL A 64 12.25 -3.02 -10.84
C VAL A 64 10.85 -2.53 -11.11
N VAL A 65 9.92 -2.78 -10.19
CA VAL A 65 8.56 -2.33 -10.40
C VAL A 65 8.33 -0.83 -10.36
N PRO A 66 8.86 -0.14 -9.33
CA PRO A 66 8.65 1.31 -9.20
C PRO A 66 9.21 2.09 -10.38
N PHE A 67 10.45 1.78 -10.75
CA PHE A 67 11.04 2.43 -11.90
C PHE A 67 10.31 1.90 -13.11
N GLY A 68 9.81 0.68 -12.98
CA GLY A 68 9.16 -0.02 -14.08
C GLY A 68 7.78 0.48 -14.43
N ALA A 69 7.20 1.26 -13.53
CA ALA A 69 5.97 1.96 -13.84
C ALA A 69 6.33 3.17 -14.70
N THR A 70 7.36 3.89 -14.31
CA THR A 70 7.61 5.23 -14.85
C THR A 70 7.53 5.23 -16.37
N LEU A 71 7.80 4.08 -16.98
CA LEU A 71 7.72 3.95 -18.43
C LEU A 71 6.27 3.78 -18.89
N VAL A 72 5.44 3.15 -18.07
CA VAL A 72 4.03 2.97 -18.42
C VAL A 72 3.20 4.20 -18.07
N VAL A 73 3.47 4.77 -16.90
CA VAL A 73 2.72 5.92 -16.40
C VAL A 73 2.89 7.13 -17.31
N ARG A 74 4.13 7.57 -17.49
CA ARG A 74 4.43 8.76 -18.29
C ARG A 74 4.61 8.44 -19.77
N GLY A 75 4.78 7.16 -20.08
CA GLY A 75 4.98 6.72 -21.45
C GLY A 75 6.45 6.59 -21.83
N THR A 76 7.35 7.11 -21.00
CA THR A 76 8.78 7.11 -21.31
C THR A 76 9.70 7.14 -20.09
N TRP A 77 10.97 6.88 -20.36
CA TRP A 77 12.01 6.77 -19.33
C TRP A 77 12.68 8.10 -19.02
N LEU A 78 12.57 8.56 -17.78
CA LEU A 78 13.20 9.81 -17.38
C LEU A 78 14.53 9.62 -16.63
N TRP A 79 14.92 8.38 -16.41
CA TRP A 79 15.95 8.06 -15.41
C TRP A 79 17.40 7.95 -15.90
N GLY A 80 17.66 8.31 -17.15
CA GLY A 80 19.01 8.29 -17.69
C GLY A 80 19.32 6.89 -18.17
N SER A 81 20.13 6.77 -19.21
CA SER A 81 20.31 5.45 -19.83
C SER A 81 21.31 4.56 -19.08
N PHE A 82 22.19 5.18 -18.30
CA PHE A 82 23.05 4.41 -17.42
C PHE A 82 22.13 3.59 -16.53
N LEU A 83 21.29 4.32 -15.82
CA LEU A 83 20.27 3.71 -15.00
C LEU A 83 19.33 2.82 -15.82
N CYS A 84 19.08 3.19 -17.08
CA CYS A 84 18.27 2.37 -17.96
C CYS A 84 18.84 0.95 -17.98
N GLU A 85 20.13 0.85 -18.33
CA GLU A 85 20.85 -0.43 -18.30
C GLU A 85 20.68 -1.10 -16.94
N LEU A 86 21.02 -0.40 -15.86
CA LEU A 86 20.94 -1.02 -14.53
C LEU A 86 19.58 -1.66 -14.27
N TRP A 87 18.55 -0.83 -14.36
CA TRP A 87 17.17 -1.26 -14.21
C TRP A 87 16.79 -2.48 -15.06
N THR A 88 17.14 -2.48 -16.34
CA THR A 88 16.81 -3.62 -17.18
C THR A 88 17.54 -4.90 -16.71
N SER A 89 18.82 -4.78 -16.38
CA SER A 89 19.61 -5.95 -15.99
C SER A 89 19.18 -6.53 -14.65
N LEU A 90 18.56 -5.68 -13.83
CA LEU A 90 17.93 -6.10 -12.59
C LEU A 90 16.55 -6.72 -12.84
N ASP A 91 15.78 -6.12 -13.74
CA ASP A 91 14.55 -6.74 -14.27
C ASP A 91 14.76 -8.16 -14.79
N VAL A 92 15.91 -8.43 -15.40
CA VAL A 92 16.22 -9.80 -15.79
C VAL A 92 16.84 -10.66 -14.67
N LEU A 93 17.76 -10.05 -13.91
CA LEU A 93 18.43 -10.76 -12.82
C LEU A 93 17.42 -11.39 -11.87
N CYS A 94 16.45 -10.60 -11.42
CA CYS A 94 15.44 -11.12 -10.51
C CYS A 94 14.81 -12.38 -11.10
N VAL A 95 14.76 -12.42 -12.43
CA VAL A 95 14.18 -13.56 -13.14
C VAL A 95 15.09 -14.77 -13.09
N THR A 96 16.30 -14.65 -13.63
CA THR A 96 17.20 -15.81 -13.64
C THR A 96 17.42 -16.36 -12.22
N ALA A 97 17.37 -15.46 -11.24
CA ALA A 97 17.45 -15.85 -9.84
C ALA A 97 16.22 -16.65 -9.43
N SER A 98 15.04 -16.16 -9.82
CA SER A 98 13.77 -16.87 -9.58
C SER A 98 13.72 -18.27 -10.18
N ILE A 99 13.75 -18.36 -11.51
CA ILE A 99 13.74 -19.68 -12.12
C ILE A 99 14.88 -20.54 -11.56
N GLU A 100 16.12 -20.06 -11.66
CA GLU A 100 17.26 -20.91 -11.30
C GLU A 100 17.23 -21.41 -9.85
N THR A 101 16.96 -20.51 -8.90
CA THR A 101 16.71 -20.92 -7.52
C THR A 101 15.62 -21.99 -7.48
N LEU A 102 14.53 -21.77 -8.21
CA LEU A 102 13.46 -22.76 -8.25
C LEU A 102 14.00 -24.11 -8.66
N CYS A 103 14.67 -24.15 -9.81
CA CYS A 103 15.21 -25.41 -10.34
C CYS A 103 16.11 -26.07 -9.32
N VAL A 104 16.82 -25.27 -8.54
CA VAL A 104 17.57 -25.82 -7.41
C VAL A 104 16.58 -26.50 -6.44
N ILE A 105 15.43 -25.89 -6.17
CA ILE A 105 14.48 -26.52 -5.24
C ILE A 105 14.06 -27.88 -5.76
N ALA A 106 13.60 -27.91 -7.02
CA ALA A 106 13.06 -29.14 -7.62
C ALA A 106 14.14 -30.20 -7.81
N ILE A 107 15.39 -29.76 -7.91
CA ILE A 107 16.52 -30.69 -7.97
C ILE A 107 16.89 -31.17 -6.56
N ASP A 108 16.48 -30.43 -5.54
CA ASP A 108 16.71 -30.82 -4.14
C ASP A 108 15.74 -31.92 -3.72
N ARG A 109 14.49 -31.76 -4.12
CA ARG A 109 13.40 -32.58 -3.60
C ARG A 109 13.30 -33.93 -4.31
N TYR A 110 14.21 -34.21 -5.23
CA TYR A 110 14.43 -35.59 -5.63
C TYR A 110 15.31 -36.22 -4.56
N LEU A 111 16.07 -35.38 -3.86
CA LEU A 111 16.96 -35.84 -2.77
C LEU A 111 16.24 -35.94 -1.44
N ALA A 112 15.00 -35.46 -1.41
CA ALA A 112 14.13 -35.65 -0.25
C ALA A 112 13.26 -36.86 -0.49
N ILE A 113 13.50 -37.55 -1.59
CA ILE A 113 12.69 -38.72 -1.99
C ILE A 113 13.49 -40.01 -2.21
N THR A 114 14.24 -40.10 -3.31
CA THR A 114 14.99 -41.34 -3.59
C THR A 114 16.26 -41.38 -2.77
N SER A 115 16.61 -40.24 -2.19
CA SER A 115 17.81 -40.13 -1.38
C SER A 115 17.54 -39.40 -0.07
N PRO A 116 16.55 -39.87 0.71
CA PRO A 116 16.21 -39.16 1.93
C PRO A 116 17.25 -39.39 3.01
N PHE A 117 17.87 -40.57 2.97
CA PHE A 117 18.76 -41.01 4.05
C PHE A 117 19.88 -40.00 4.29
N ARG A 118 20.32 -39.38 3.20
CA ARG A 118 21.44 -38.46 3.24
C ARG A 118 21.05 -36.99 3.39
N TYR A 119 19.79 -36.73 3.64
CA TYR A 119 19.29 -35.36 3.66
C TYR A 119 20.29 -34.47 4.42
N GLN A 120 20.50 -34.73 5.70
CA GLN A 120 21.37 -33.86 6.52
C GLN A 120 22.89 -34.06 6.31
N SER A 121 23.29 -35.20 5.73
CA SER A 121 24.70 -35.44 5.43
C SER A 121 25.20 -34.56 4.28
N LEU A 122 24.51 -34.61 3.14
CA LEU A 122 24.88 -33.81 1.97
C LEU A 122 24.36 -32.38 2.07
N MET A 123 23.05 -32.24 2.07
CA MET A 123 22.43 -30.93 2.20
C MET A 123 22.55 -30.52 3.66
N THR A 124 23.26 -29.43 3.91
CA THR A 124 23.36 -28.92 5.26
C THR A 124 22.89 -27.48 5.23
N ARG A 125 22.28 -27.01 6.30
CA ARG A 125 21.83 -25.62 6.32
C ARG A 125 23.05 -24.75 6.06
N ALA A 126 24.23 -25.36 6.19
CA ALA A 126 25.49 -24.75 5.80
C ALA A 126 25.79 -24.86 4.30
N ARG A 127 25.41 -25.98 3.70
CA ARG A 127 25.76 -26.26 2.30
C ARG A 127 24.86 -25.65 1.21
N ALA A 128 23.63 -25.30 1.55
CA ALA A 128 22.70 -24.71 0.58
C ALA A 128 22.89 -23.20 0.38
N LYS A 129 23.51 -22.55 1.36
CA LYS A 129 23.80 -21.12 1.30
C LYS A 129 24.73 -20.83 0.13
N VAL A 130 25.76 -21.64 0.03
CA VAL A 130 26.71 -21.52 -1.05
C VAL A 130 25.99 -21.71 -2.36
N ILE A 131 25.03 -22.63 -2.40
CA ILE A 131 24.32 -22.94 -3.63
C ILE A 131 23.46 -21.79 -4.11
N ILE A 132 22.73 -21.16 -3.21
CA ILE A 132 22.01 -19.95 -3.57
C ILE A 132 22.98 -18.89 -4.07
N CYS A 133 24.10 -18.75 -3.34
CA CYS A 133 25.15 -17.82 -3.74
C CYS A 133 25.65 -18.04 -5.17
N THR A 134 25.92 -19.29 -5.52
CA THR A 134 26.32 -19.68 -6.88
C THR A 134 25.22 -19.37 -7.89
N VAL A 135 23.97 -19.61 -7.50
CA VAL A 135 22.83 -19.21 -8.33
C VAL A 135 22.89 -17.71 -8.65
N TRP A 136 23.36 -16.89 -7.70
CA TRP A 136 23.50 -15.41 -7.86
C TRP A 136 24.84 -14.88 -8.39
N ALA A 137 25.84 -15.74 -8.45
CA ALA A 137 27.04 -15.46 -9.22
C ALA A 137 26.75 -15.76 -10.70
N ILE A 138 25.95 -16.79 -10.95
CA ILE A 138 25.51 -17.14 -12.30
C ILE A 138 24.47 -16.16 -12.81
N SER A 139 23.46 -15.88 -11.99
CA SER A 139 22.43 -14.90 -12.32
C SER A 139 23.09 -13.59 -12.63
N ALA A 140 24.00 -13.16 -11.75
CA ALA A 140 24.72 -11.89 -11.96
C ALA A 140 25.59 -11.86 -13.21
N LEU A 141 26.35 -12.93 -13.43
CA LEU A 141 27.24 -13.02 -14.56
C LEU A 141 26.45 -12.93 -15.85
N VAL A 142 25.51 -13.85 -15.99
CA VAL A 142 24.71 -14.01 -17.20
C VAL A 142 23.77 -12.84 -17.51
N SER A 143 23.04 -12.35 -16.51
CA SER A 143 22.19 -11.18 -16.73
C SER A 143 23.00 -9.90 -16.95
N PHE A 144 23.93 -9.61 -16.03
CA PHE A 144 24.63 -8.32 -15.98
C PHE A 144 25.82 -8.12 -16.95
N LEU A 145 26.52 -9.19 -17.33
CA LEU A 145 27.57 -9.01 -18.33
C LEU A 145 27.05 -8.66 -19.72
N PRO A 146 26.18 -9.51 -20.29
CA PRO A 146 25.71 -9.32 -21.68
C PRO A 146 24.90 -8.05 -21.93
N ILE A 147 24.36 -7.42 -20.89
CA ILE A 147 23.68 -6.13 -21.08
C ILE A 147 24.68 -4.96 -21.15
N MET A 148 25.68 -4.98 -20.28
CA MET A 148 26.72 -3.96 -20.25
C MET A 148 27.69 -4.11 -21.43
N MET A 149 27.62 -5.27 -22.08
CA MET A 149 28.43 -5.56 -23.25
C MET A 149 27.71 -4.99 -24.46
N HIS A 150 26.48 -4.53 -24.24
CA HIS A 150 25.61 -4.19 -25.35
C HIS A 150 25.65 -5.32 -26.37
N TRP A 151 25.79 -6.55 -25.89
CA TRP A 151 25.66 -7.70 -26.77
C TRP A 151 24.21 -7.71 -27.27
N TRP A 152 23.40 -6.83 -26.69
CA TRP A 152 21.98 -6.75 -27.03
C TRP A 152 21.69 -5.66 -28.04
N ARG A 153 22.71 -4.92 -28.47
CA ARG A 153 22.47 -3.89 -29.48
C ARG A 153 22.21 -4.50 -30.86
N ASP A 154 21.07 -4.13 -31.44
CA ASP A 154 20.77 -4.51 -32.81
C ASP A 154 21.09 -3.30 -33.68
N GLU A 155 21.84 -3.52 -34.75
CA GLU A 155 22.35 -2.41 -35.55
C GLU A 155 21.25 -1.52 -36.14
N ASP A 156 20.09 -2.11 -36.40
CA ASP A 156 19.01 -1.39 -37.07
C ASP A 156 18.66 -0.05 -36.41
N PRO A 157 18.35 0.95 -37.24
CA PRO A 157 18.14 2.34 -36.81
C PRO A 157 16.91 2.48 -35.93
N GLN A 158 15.89 1.67 -36.17
CA GLN A 158 14.71 1.70 -35.34
C GLN A 158 15.17 1.55 -33.89
N ALA A 159 15.93 0.50 -33.63
CA ALA A 159 16.45 0.22 -32.29
C ALA A 159 17.65 1.11 -31.97
N LEU A 160 18.38 1.51 -33.01
CA LEU A 160 19.56 2.36 -32.86
C LEU A 160 19.18 3.62 -32.13
N LYS A 161 18.08 4.22 -32.58
CA LYS A 161 17.54 5.45 -32.00
C LYS A 161 17.09 5.24 -30.57
N CYS A 162 16.62 4.04 -30.25
CA CYS A 162 16.21 3.73 -28.88
C CYS A 162 17.42 3.45 -27.96
N TYR A 163 18.56 3.09 -28.55
CA TYR A 163 19.81 2.92 -27.80
C TYR A 163 20.48 4.27 -27.53
N GLN A 164 20.41 5.17 -28.51
CA GLN A 164 20.99 6.50 -28.37
C GLN A 164 20.11 7.51 -27.62
N ASP A 165 18.80 7.42 -27.83
CA ASP A 165 17.85 8.25 -27.09
C ASP A 165 17.70 7.73 -25.65
N PRO A 166 18.07 8.57 -24.66
CA PRO A 166 18.01 8.17 -23.25
C PRO A 166 16.59 7.82 -22.79
N GLY A 167 15.59 8.32 -23.51
CA GLY A 167 14.21 8.16 -23.13
C GLY A 167 13.56 6.83 -23.52
N CYS A 168 14.30 6.00 -24.25
CA CYS A 168 13.79 4.67 -24.55
C CYS A 168 14.58 3.59 -23.84
N CYS A 169 13.98 3.01 -22.81
CA CYS A 169 14.57 1.82 -22.21
C CYS A 169 13.84 0.61 -22.75
N ASP A 170 12.92 0.87 -23.67
CA ASP A 170 12.21 -0.20 -24.33
C ASP A 170 13.26 -1.19 -24.80
N PHE A 171 13.08 -2.45 -24.46
CA PHE A 171 14.13 -3.42 -24.65
C PHE A 171 14.02 -4.01 -26.03
N VAL A 172 14.99 -3.69 -26.85
CA VAL A 172 15.07 -4.24 -28.19
C VAL A 172 16.46 -4.81 -28.34
N THR A 173 16.54 -6.04 -28.84
CA THR A 173 17.82 -6.72 -28.91
C THR A 173 18.09 -7.35 -30.25
N ASN A 174 19.36 -7.69 -30.46
CA ASN A 174 19.82 -8.32 -31.69
C ASN A 174 19.24 -9.71 -31.88
N ARG A 175 19.34 -10.23 -33.09
CA ARG A 175 18.82 -11.55 -33.38
C ARG A 175 19.19 -12.56 -32.27
N ALA A 176 20.47 -12.83 -32.11
CA ALA A 176 20.97 -13.93 -31.27
C ALA A 176 21.04 -13.68 -29.75
N TYR A 177 20.97 -12.43 -29.31
CA TYR A 177 20.82 -12.20 -27.88
C TYR A 177 19.37 -12.51 -27.50
N ALA A 178 18.49 -12.36 -28.49
CA ALA A 178 17.07 -12.63 -28.30
C ALA A 178 16.85 -14.13 -28.45
N ILE A 179 17.96 -14.87 -28.61
CA ILE A 179 17.96 -16.32 -28.55
C ILE A 179 18.65 -16.83 -27.27
N ALA A 180 19.94 -16.50 -27.13
CA ALA A 180 20.71 -16.85 -25.94
C ALA A 180 19.96 -16.47 -24.68
N SER A 181 19.48 -15.24 -24.64
CA SER A 181 18.80 -14.73 -23.46
C SER A 181 17.81 -15.77 -22.98
N SER A 182 16.91 -16.16 -23.89
CA SER A 182 15.75 -17.01 -23.57
C SER A 182 16.10 -18.47 -23.29
N ILE A 183 16.95 -19.04 -24.15
CA ILE A 183 17.43 -20.39 -23.89
C ILE A 183 17.97 -20.46 -22.48
N ILE A 184 19.04 -19.71 -22.21
CA ILE A 184 19.71 -19.80 -20.92
C ILE A 184 18.83 -19.41 -19.72
N SER A 185 18.34 -18.17 -19.71
CA SER A 185 17.72 -17.63 -18.50
C SER A 185 16.24 -18.05 -18.31
N PHE A 186 15.69 -18.76 -19.29
CA PHE A 186 14.32 -19.29 -19.17
C PHE A 186 14.14 -20.75 -19.52
N TYR A 187 14.45 -21.10 -20.76
CA TYR A 187 13.98 -22.37 -21.26
C TYR A 187 14.66 -23.58 -20.64
N ILE A 188 15.95 -23.76 -20.86
CA ILE A 188 16.56 -24.97 -20.33
C ILE A 188 16.31 -25.15 -18.82
N PRO A 189 16.48 -24.09 -18.00
CA PRO A 189 16.17 -24.31 -16.59
C PRO A 189 14.71 -24.68 -16.33
N LEU A 190 13.77 -24.13 -17.11
CA LEU A 190 12.37 -24.49 -16.95
C LEU A 190 12.11 -25.94 -17.30
N LEU A 191 12.52 -26.34 -18.50
CA LEU A 191 12.29 -27.70 -18.97
C LEU A 191 12.99 -28.66 -18.03
N ILE A 192 14.06 -28.20 -17.43
CA ILE A 192 14.82 -29.01 -16.49
C ILE A 192 14.11 -29.15 -15.15
N MET A 193 13.50 -28.07 -14.65
CA MET A 193 12.84 -28.15 -13.34
C MET A 193 11.43 -28.72 -13.42
N ILE A 194 10.82 -28.67 -14.60
CA ILE A 194 9.55 -29.36 -14.84
C ILE A 194 9.83 -30.84 -15.07
N PHE A 195 10.84 -31.11 -15.87
CA PHE A 195 11.38 -32.46 -16.04
C PHE A 195 11.66 -33.08 -14.66
N VAL A 196 12.32 -32.32 -13.79
CA VAL A 196 12.72 -32.81 -12.46
C VAL A 196 11.56 -32.82 -11.45
N ALA A 197 10.59 -31.93 -11.65
CA ALA A 197 9.38 -31.97 -10.84
C ALA A 197 8.67 -33.28 -11.10
N LEU A 198 8.65 -33.67 -12.37
CA LEU A 198 7.92 -34.87 -12.77
C LEU A 198 8.31 -36.15 -12.03
N ARG A 199 9.58 -36.56 -12.11
CA ARG A 199 9.98 -37.82 -11.46
C ARG A 199 9.69 -37.76 -9.96
N VAL A 200 9.84 -36.58 -9.38
CA VAL A 200 9.49 -36.38 -7.97
C VAL A 200 8.00 -36.65 -7.72
N TYR A 201 7.12 -36.14 -8.59
CA TYR A 201 5.68 -36.41 -8.42
C TYR A 201 5.24 -37.80 -8.89
N ARG A 202 6.16 -38.54 -9.51
CA ARG A 202 5.95 -39.97 -9.77
C ARG A 202 6.28 -40.80 -8.55
N GLU A 203 7.36 -40.45 -7.86
CA GLU A 203 7.75 -41.17 -6.67
C GLU A 203 6.80 -40.86 -5.52
N ALA A 204 6.11 -39.73 -5.64
CA ALA A 204 5.20 -39.27 -4.59
C ALA A 204 3.88 -40.03 -4.60
N LYS A 205 3.54 -40.61 -5.75
CA LYS A 205 2.33 -41.44 -5.86
C LYS A 205 2.57 -42.83 -5.26
N GLU A 206 3.80 -43.33 -5.37
CA GLU A 206 4.12 -44.69 -4.97
C GLU A 206 3.82 -44.97 -3.50
N GLN A 207 3.70 -43.92 -2.71
CA GLN A 207 3.45 -44.06 -1.28
C GLN A 207 2.18 -44.85 -1.00
N VAL A 220 4.60 -43.21 9.76
CA VAL A 220 3.15 -43.21 9.97
C VAL A 220 2.48 -42.07 9.18
N MET A 221 2.74 -40.82 9.56
CA MET A 221 2.12 -39.70 8.84
C MET A 221 3.10 -38.90 7.97
N LEU A 222 2.99 -39.10 6.66
CA LEU A 222 3.73 -38.30 5.69
C LEU A 222 2.87 -37.22 5.04
N MET A 223 1.59 -37.17 5.41
CA MET A 223 0.67 -36.24 4.79
C MET A 223 1.21 -34.80 4.85
N ARG A 224 1.75 -34.41 6.00
CA ARG A 224 2.37 -33.10 6.14
C ARG A 224 3.35 -32.88 5.00
N GLU A 225 4.17 -33.89 4.74
CA GLU A 225 5.12 -33.86 3.64
C GLU A 225 4.44 -33.49 2.32
N HIS A 226 3.25 -34.04 2.11
CA HIS A 226 2.52 -33.84 0.86
C HIS A 226 1.80 -32.50 0.73
N LYS A 227 1.22 -32.02 1.82
CA LYS A 227 0.57 -30.71 1.83
C LYS A 227 1.64 -29.63 1.70
N ALA A 228 2.84 -29.91 2.20
CA ALA A 228 3.97 -28.99 2.04
C ALA A 228 4.62 -29.11 0.66
N LEU A 229 4.41 -30.26 0.01
CA LEU A 229 4.93 -30.49 -1.33
C LEU A 229 4.09 -29.83 -2.42
N LYS A 230 2.78 -30.04 -2.35
CA LYS A 230 1.88 -29.57 -3.39
C LYS A 230 2.00 -28.06 -3.51
N THR A 231 2.14 -27.41 -2.35
CA THR A 231 2.27 -25.97 -2.30
C THR A 231 3.60 -25.50 -2.92
N LEU A 232 4.59 -26.38 -3.01
CA LEU A 232 5.78 -26.06 -3.81
C LEU A 232 5.45 -26.23 -5.28
N GLY A 233 4.72 -27.29 -5.61
CA GLY A 233 4.31 -27.50 -6.99
C GLY A 233 3.65 -26.26 -7.56
N ILE A 234 2.72 -25.72 -6.79
CA ILE A 234 1.99 -24.51 -7.17
C ILE A 234 2.95 -23.42 -7.64
N ILE A 235 3.97 -23.12 -6.83
CA ILE A 235 4.90 -22.04 -7.14
C ILE A 235 5.40 -22.09 -8.58
N MET A 236 5.88 -23.25 -8.99
CA MET A 236 6.42 -23.40 -10.33
C MET A 236 5.31 -23.44 -11.37
N GLY A 237 4.14 -23.90 -10.97
CA GLY A 237 3.01 -23.88 -11.89
C GLY A 237 2.67 -22.45 -12.26
N VAL A 238 2.38 -21.65 -11.23
CA VAL A 238 2.01 -20.25 -11.41
C VAL A 238 3.13 -19.50 -12.07
N PHE A 239 4.37 -19.79 -11.67
CA PHE A 239 5.51 -19.14 -12.28
C PHE A 239 5.48 -19.39 -13.78
N THR A 240 5.49 -20.66 -14.16
CA THR A 240 5.45 -21.03 -15.57
C THR A 240 4.30 -20.36 -16.31
N LEU A 241 3.14 -20.24 -15.68
CA LEU A 241 1.99 -19.60 -16.35
C LEU A 241 2.15 -18.09 -16.47
N CYS A 242 2.90 -17.50 -15.54
CA CYS A 242 3.14 -16.06 -15.52
C CYS A 242 4.25 -15.60 -16.47
N TRP A 243 5.38 -16.28 -16.44
CA TRP A 243 6.50 -15.92 -17.31
C TRP A 243 6.69 -16.77 -18.57
N LEU A 244 5.88 -17.81 -18.76
CA LEU A 244 5.89 -18.55 -20.01
C LEU A 244 5.25 -17.80 -21.19
N PRO A 245 4.06 -17.22 -20.98
CA PRO A 245 3.37 -16.51 -22.06
C PRO A 245 4.22 -15.36 -22.58
N PHE A 246 5.01 -14.76 -21.71
CA PHE A 246 5.91 -13.67 -22.08
C PHE A 246 7.16 -14.21 -22.77
N PHE A 247 7.77 -15.25 -22.20
CA PHE A 247 8.98 -15.85 -22.75
C PHE A 247 8.64 -16.87 -23.85
N LEU A 248 7.36 -17.05 -24.13
CA LEU A 248 6.95 -17.68 -25.38
C LEU A 248 6.93 -16.64 -26.50
N VAL A 249 6.42 -15.46 -26.16
CA VAL A 249 6.28 -14.37 -27.12
C VAL A 249 7.61 -14.02 -27.79
N ASN A 250 8.61 -13.74 -26.98
CA ASN A 250 9.87 -13.22 -27.47
C ASN A 250 10.47 -14.11 -28.56
N ILE A 251 10.01 -15.35 -28.63
CA ILE A 251 10.44 -16.23 -29.71
C ILE A 251 9.73 -15.88 -31.00
N VAL A 252 8.43 -15.63 -30.91
CA VAL A 252 7.68 -15.20 -32.07
C VAL A 252 8.19 -13.82 -32.49
N ASN A 253 8.76 -13.10 -31.53
CA ASN A 253 9.46 -11.85 -31.81
C ASN A 253 10.51 -12.10 -32.88
N VAL A 254 11.21 -13.21 -32.78
CA VAL A 254 12.21 -13.58 -33.76
C VAL A 254 11.59 -14.06 -35.08
N PHE A 255 10.61 -14.97 -34.99
CA PHE A 255 10.04 -15.58 -36.18
C PHE A 255 9.14 -14.68 -37.04
N ASN A 256 8.12 -14.08 -36.43
CA ASN A 256 7.26 -13.13 -37.12
C ASN A 256 7.07 -11.87 -36.29
N ARG A 257 7.57 -10.74 -36.79
CA ARG A 257 7.58 -9.51 -35.99
C ARG A 257 6.19 -8.89 -35.77
N ASP A 258 5.48 -8.62 -36.85
CA ASP A 258 4.20 -7.91 -36.76
C ASP A 258 3.01 -8.82 -36.45
N LEU A 259 3.26 -10.12 -36.35
CA LEU A 259 2.23 -11.05 -35.90
C LEU A 259 2.09 -10.94 -34.39
N VAL A 260 2.98 -10.16 -33.77
CA VAL A 260 3.03 -9.98 -32.32
C VAL A 260 2.81 -8.53 -31.90
N PRO A 261 1.54 -8.16 -31.62
CA PRO A 261 1.19 -6.81 -31.14
C PRO A 261 2.09 -6.37 -29.99
N ASP A 262 2.40 -5.09 -29.91
CA ASP A 262 3.42 -4.58 -28.97
C ASP A 262 2.87 -4.15 -27.61
N TRP A 263 1.55 -4.10 -27.46
CA TRP A 263 0.97 -3.80 -26.15
C TRP A 263 0.97 -5.04 -25.28
N LEU A 264 0.73 -6.19 -25.91
CA LEU A 264 0.85 -7.49 -25.25
C LEU A 264 2.26 -7.68 -24.72
N PHE A 265 3.24 -7.22 -25.49
CA PHE A 265 4.64 -7.33 -25.12
C PHE A 265 4.86 -6.74 -23.74
N VAL A 266 4.13 -5.67 -23.42
CA VAL A 266 4.17 -5.10 -22.08
C VAL A 266 3.25 -5.83 -21.09
N ALA A 267 2.04 -6.16 -21.54
CA ALA A 267 1.06 -6.82 -20.69
C ALA A 267 1.59 -8.10 -20.06
N PHE A 268 2.46 -8.81 -20.78
CA PHE A 268 3.02 -10.05 -20.27
C PHE A 268 4.21 -9.86 -19.32
N ASN A 269 5.04 -8.84 -19.55
CA ASN A 269 6.12 -8.53 -18.61
C ASN A 269 5.53 -8.02 -17.31
N TRP A 270 4.36 -7.39 -17.37
CA TRP A 270 3.68 -7.07 -16.13
C TRP A 270 2.99 -8.29 -15.50
N LEU A 271 2.28 -9.06 -16.33
CA LEU A 271 1.64 -10.27 -15.86
C LEU A 271 2.64 -11.08 -15.05
N GLY A 272 3.89 -11.09 -15.54
CA GLY A 272 4.97 -11.76 -14.85
C GLY A 272 5.42 -11.05 -13.59
N TYR A 273 5.49 -9.72 -13.64
CA TYR A 273 5.85 -8.96 -12.45
C TYR A 273 4.94 -9.46 -11.34
N ALA A 274 3.69 -9.72 -11.68
CA ALA A 274 2.69 -10.17 -10.72
C ALA A 274 3.18 -11.35 -9.89
N ASN A 275 4.06 -12.17 -10.47
CA ASN A 275 4.55 -13.33 -9.76
C ASN A 275 4.99 -12.87 -8.38
N SER A 276 5.84 -11.86 -8.34
CA SER A 276 6.42 -11.39 -7.08
C SER A 276 5.38 -11.20 -5.98
N ALA A 277 4.29 -10.50 -6.29
CA ALA A 277 3.25 -10.26 -5.29
C ALA A 277 2.41 -11.52 -5.08
N MET A 278 2.50 -12.46 -6.01
CA MET A 278 1.76 -13.71 -5.91
C MET A 278 2.43 -14.67 -4.92
N ASN A 279 3.76 -14.62 -4.85
CA ASN A 279 4.51 -15.58 -4.05
C ASN A 279 4.20 -15.65 -2.55
N PRO A 280 4.36 -14.53 -1.82
CA PRO A 280 4.18 -14.60 -0.36
C PRO A 280 2.81 -15.15 0.00
N ILE A 281 1.85 -15.00 -0.92
CA ILE A 281 0.46 -15.38 -0.68
C ILE A 281 0.17 -16.84 -1.04
N ILE A 282 1.16 -17.51 -1.61
CA ILE A 282 1.10 -18.96 -1.77
C ILE A 282 1.65 -19.59 -0.49
N TYR A 283 2.26 -18.75 0.35
CA TYR A 283 2.81 -19.20 1.62
C TYR A 283 1.79 -19.05 2.73
N CYS A 284 0.60 -18.58 2.39
CA CYS A 284 -0.48 -18.54 3.34
C CYS A 284 -0.97 -19.96 3.61
N ARG A 285 -0.42 -20.91 2.86
CA ARG A 285 -0.84 -22.31 2.95
C ARG A 285 -0.20 -23.11 4.09
N SER A 286 0.93 -22.65 4.63
CA SER A 286 1.58 -23.35 5.73
C SER A 286 1.24 -22.71 7.09
N PRO A 287 0.71 -23.53 8.02
CA PRO A 287 0.44 -23.07 9.38
C PRO A 287 1.73 -22.81 10.14
N ASP A 288 2.80 -23.53 9.79
CA ASP A 288 4.14 -23.24 10.31
C ASP A 288 4.37 -21.76 10.09
N PHE A 289 4.01 -21.32 8.90
CA PHE A 289 4.20 -19.94 8.47
C PHE A 289 3.17 -19.00 9.11
N ARG A 290 1.89 -19.35 9.05
CA ARG A 290 0.85 -18.46 9.54
C ARG A 290 0.99 -18.17 11.05
N LYS A 291 1.50 -19.15 11.80
CA LYS A 291 1.73 -18.97 13.23
C LYS A 291 2.77 -17.91 13.51
N ALA A 292 3.78 -17.85 12.64
CA ALA A 292 4.80 -16.82 12.74
C ALA A 292 4.31 -15.53 12.06
N PHE A 293 3.24 -15.63 11.27
CA PHE A 293 2.65 -14.49 10.58
C PHE A 293 1.77 -13.69 11.52
N LYS A 294 1.11 -14.40 12.43
CA LYS A 294 0.19 -13.75 13.35
C LYS A 294 0.95 -12.94 14.39
N ARG A 295 1.72 -13.63 15.21
CA ARG A 295 2.49 -12.99 16.27
C ARG A 295 3.47 -11.97 15.70
N LEU A 296 3.80 -12.13 14.43
CA LEU A 296 4.71 -11.22 13.75
C LEU A 296 4.20 -9.78 13.82
N LEU B 6 12.92 17.85 -14.47
CA LEU B 6 12.86 17.50 -13.06
C LEU B 6 11.41 17.35 -12.58
N SER B 7 10.49 18.06 -13.22
CA SER B 7 9.10 18.09 -12.77
C SER B 7 8.35 16.79 -13.01
N GLN B 8 8.67 16.10 -14.11
CA GLN B 8 8.03 14.85 -14.45
C GLN B 8 8.54 13.69 -13.59
N GLN B 9 9.70 13.90 -12.98
CA GLN B 9 10.27 12.93 -12.04
C GLN B 9 9.61 13.04 -10.67
N TRP B 10 9.10 14.23 -10.37
CA TRP B 10 8.28 14.43 -9.19
C TRP B 10 6.83 14.00 -9.42
N GLU B 11 6.30 14.34 -10.60
CA GLU B 11 4.95 13.92 -11.01
C GLU B 11 4.71 12.43 -10.85
N ALA B 12 5.66 11.62 -11.32
CA ALA B 12 5.60 10.19 -11.12
C ALA B 12 6.38 9.77 -9.86
N GLY B 13 7.13 10.71 -9.28
CA GLY B 13 7.96 10.43 -8.11
C GLY B 13 7.21 10.27 -6.80
N MET B 14 6.33 11.22 -6.49
CA MET B 14 5.55 11.14 -5.26
C MET B 14 4.13 10.62 -5.41
N SER B 15 3.73 10.31 -6.64
CA SER B 15 2.42 9.71 -6.89
C SER B 15 2.36 8.33 -6.23
N LEU B 16 3.39 7.54 -6.46
CA LEU B 16 3.53 6.26 -5.80
C LEU B 16 3.38 6.46 -4.30
N LEU B 17 4.16 7.38 -3.73
CA LEU B 17 4.19 7.61 -2.29
C LEU B 17 2.83 8.02 -1.69
N MET B 18 2.20 9.00 -2.31
CA MET B 18 0.85 9.39 -1.91
C MET B 18 -0.05 8.16 -1.90
N ALA B 19 0.07 7.33 -2.94
CA ALA B 19 -0.68 6.07 -2.97
C ALA B 19 -0.38 5.17 -1.76
N LEU B 20 0.86 5.20 -1.31
CA LEU B 20 1.27 4.44 -0.12
C LEU B 20 0.58 4.92 1.15
N VAL B 21 0.57 6.24 1.35
CA VAL B 21 -0.15 6.80 2.50
C VAL B 21 -1.65 6.48 2.40
N VAL B 22 -2.19 6.54 1.20
CA VAL B 22 -3.56 6.05 0.96
C VAL B 22 -3.70 4.65 1.57
N LEU B 23 -2.80 3.75 1.23
CA LEU B 23 -2.83 2.39 1.81
C LEU B 23 -2.78 2.38 3.33
N LEU B 24 -1.97 3.27 3.91
CA LEU B 24 -1.95 3.41 5.35
C LEU B 24 -3.36 3.63 5.88
N ILE B 25 -4.09 4.50 5.19
CA ILE B 25 -5.45 4.84 5.63
C ILE B 25 -6.46 3.73 5.37
N VAL B 26 -6.72 3.46 4.09
CA VAL B 26 -7.69 2.44 3.70
C VAL B 26 -7.43 1.10 4.37
N ALA B 27 -6.16 0.77 4.58
CA ALA B 27 -5.84 -0.46 5.29
C ALA B 27 -6.10 -0.27 6.77
N GLY B 28 -5.28 0.58 7.41
CA GLY B 28 -5.31 0.73 8.85
C GLY B 28 -6.68 0.96 9.46
N ASN B 29 -7.39 1.97 8.95
CA ASN B 29 -8.70 2.29 9.46
C ASN B 29 -9.68 1.13 9.35
N VAL B 30 -9.60 0.38 8.26
CA VAL B 30 -10.53 -0.71 8.03
C VAL B 30 -10.16 -1.97 8.79
N LEU B 31 -8.90 -2.12 9.16
CA LEU B 31 -8.49 -3.23 10.02
C LEU B 31 -8.92 -2.90 11.45
N VAL B 32 -8.87 -1.62 11.79
CA VAL B 32 -9.49 -1.13 13.02
C VAL B 32 -10.97 -1.48 13.03
N ILE B 33 -11.68 -1.04 12.00
CA ILE B 33 -13.11 -1.28 11.87
C ILE B 33 -13.44 -2.77 11.94
N ALA B 34 -12.58 -3.56 11.29
CA ALA B 34 -12.71 -5.00 11.27
C ALA B 34 -12.66 -5.57 12.69
N ALA B 35 -11.58 -5.29 13.41
CA ALA B 35 -11.44 -5.80 14.77
C ALA B 35 -12.48 -5.23 15.73
N ILE B 36 -13.07 -4.10 15.38
CA ILE B 36 -14.12 -3.52 16.21
C ILE B 36 -15.43 -4.27 16.02
N GLY B 37 -16.01 -4.14 14.84
CA GLY B 37 -17.32 -4.69 14.57
C GLY B 37 -17.40 -6.19 14.82
N SER B 38 -16.28 -6.87 14.68
CA SER B 38 -16.24 -8.32 14.79
C SER B 38 -15.80 -8.90 16.15
N THR B 39 -15.52 -8.05 17.13
CA THR B 39 -15.18 -8.52 18.48
C THR B 39 -16.08 -7.92 19.55
N GLN B 40 -16.42 -8.72 20.56
CA GLN B 40 -17.29 -8.27 21.64
C GLN B 40 -16.59 -7.29 22.58
N ARG B 41 -15.38 -7.63 23.00
CA ARG B 41 -14.62 -6.84 23.99
C ARG B 41 -14.33 -5.41 23.51
N LEU B 42 -14.35 -5.23 22.20
CA LEU B 42 -14.09 -3.94 21.58
C LEU B 42 -15.39 -3.20 21.23
N GLN B 43 -16.52 -3.81 21.56
CA GLN B 43 -17.83 -3.26 21.22
C GLN B 43 -18.42 -2.33 22.27
N THR B 44 -17.61 -2.01 23.27
CA THR B 44 -17.96 -1.00 24.27
C THR B 44 -18.36 0.29 23.53
N LEU B 45 -19.37 1.00 24.03
CA LEU B 45 -19.89 2.20 23.35
C LEU B 45 -18.76 3.12 22.90
N THR B 46 -17.86 3.41 23.84
CA THR B 46 -16.81 4.40 23.60
C THR B 46 -16.02 4.03 22.34
N ASN B 47 -16.14 2.78 21.91
CA ASN B 47 -15.53 2.34 20.67
C ASN B 47 -16.50 2.37 19.47
N LEU B 48 -17.75 2.75 19.72
CA LEU B 48 -18.70 2.95 18.64
C LEU B 48 -18.52 4.34 18.01
N PHE B 49 -18.09 5.30 18.83
CA PHE B 49 -17.71 6.60 18.32
C PHE B 49 -16.40 6.43 17.55
N ILE B 50 -15.66 5.39 17.91
CA ILE B 50 -14.44 5.05 17.21
C ILE B 50 -14.75 4.25 15.95
N THR B 51 -15.93 3.63 15.94
CA THR B 51 -16.48 3.00 14.74
C THR B 51 -16.76 4.08 13.71
N SER B 52 -17.58 5.04 14.12
CA SER B 52 -17.90 6.19 13.28
C SER B 52 -16.62 6.89 12.81
N LEU B 53 -15.71 7.12 13.75
CA LEU B 53 -14.50 7.87 13.42
C LEU B 53 -13.58 7.13 12.46
N ALA B 54 -13.42 5.83 12.67
CA ALA B 54 -12.67 5.02 11.74
C ALA B 54 -13.34 5.18 10.40
N CYS B 55 -14.66 5.32 10.42
CA CYS B 55 -15.41 5.55 9.19
C CYS B 55 -15.00 6.85 8.50
N ALA B 56 -15.18 7.98 9.19
CA ALA B 56 -14.87 9.28 8.60
C ALA B 56 -13.44 9.25 8.06
N ASP B 57 -12.51 8.81 8.90
CA ASP B 57 -11.11 8.72 8.53
C ASP B 57 -10.95 7.88 7.27
N LEU B 58 -11.79 6.86 7.16
CA LEU B 58 -11.73 5.97 6.01
C LEU B 58 -12.21 6.64 4.72
N VAL B 59 -13.40 7.21 4.74
CA VAL B 59 -13.89 7.95 3.58
C VAL B 59 -12.83 8.99 3.17
N VAL B 60 -12.13 9.53 4.17
CA VAL B 60 -11.01 10.43 3.90
C VAL B 60 -10.01 9.73 3.01
N GLY B 61 -9.50 8.60 3.48
CA GLY B 61 -8.46 7.88 2.77
C GLY B 61 -8.99 7.05 1.62
N LEU B 62 -10.24 7.30 1.24
CA LEU B 62 -10.88 6.58 0.16
C LEU B 62 -11.31 7.53 -0.96
N LEU B 63 -12.27 8.40 -0.67
CA LEU B 63 -12.70 9.42 -1.64
C LEU B 63 -11.90 10.73 -1.70
N VAL B 64 -11.49 11.24 -0.55
CA VAL B 64 -10.80 12.53 -0.51
C VAL B 64 -9.32 12.56 -0.83
N VAL B 65 -8.57 11.61 -0.31
CA VAL B 65 -7.13 11.58 -0.57
C VAL B 65 -6.72 11.25 -2.01
N PRO B 66 -7.31 10.20 -2.61
CA PRO B 66 -6.94 9.80 -3.97
C PRO B 66 -7.23 10.89 -4.98
N PHE B 67 -8.43 11.43 -4.91
CA PHE B 67 -8.77 12.52 -5.80
C PHE B 67 -7.93 13.71 -5.37
N GLY B 68 -7.61 13.73 -4.08
CA GLY B 68 -6.92 14.84 -3.44
C GLY B 68 -5.46 14.94 -3.79
N ALA B 69 -4.92 13.87 -4.36
CA ALA B 69 -3.58 13.90 -4.91
C ALA B 69 -3.64 14.60 -6.26
N THR B 70 -4.62 14.22 -7.07
CA THR B 70 -4.62 14.56 -8.49
C THR B 70 -4.33 16.04 -8.70
N LEU B 71 -4.65 16.86 -7.70
CA LEU B 71 -4.40 18.29 -7.78
C LEU B 71 -2.94 18.60 -7.47
N VAL B 72 -2.32 17.81 -6.59
CA VAL B 72 -0.91 18.00 -6.27
C VAL B 72 0.03 17.35 -7.29
N VAL B 73 -0.33 16.14 -7.71
CA VAL B 73 0.48 15.38 -8.67
C VAL B 73 0.59 16.10 -10.01
N ARG B 74 -0.55 16.35 -10.65
CA ARG B 74 -0.57 16.97 -11.97
C ARG B 74 -0.59 18.49 -11.90
N GLY B 75 -0.87 19.03 -10.71
CA GLY B 75 -0.93 20.47 -10.50
C GLY B 75 -2.33 21.04 -10.64
N THR B 76 -3.26 20.24 -11.16
CA THR B 76 -4.64 20.69 -11.44
C THR B 76 -5.71 19.61 -11.40
N TRP B 77 -6.95 20.07 -11.38
CA TRP B 77 -8.14 19.22 -11.27
C TRP B 77 -8.67 18.79 -12.64
N LEU B 78 -8.66 17.49 -12.90
CA LEU B 78 -9.18 16.96 -14.15
C LEU B 78 -10.62 16.42 -14.06
N TRP B 79 -11.19 16.45 -12.86
CA TRP B 79 -12.38 15.65 -12.55
C TRP B 79 -13.75 16.33 -12.73
N GLY B 80 -13.77 17.52 -13.29
CA GLY B 80 -15.02 18.20 -13.54
C GLY B 80 -15.43 18.93 -12.29
N SER B 81 -16.10 20.08 -12.45
CA SER B 81 -16.36 20.92 -11.28
C SER B 81 -17.56 20.43 -10.46
N PHE B 82 -18.46 19.69 -11.08
CA PHE B 82 -19.53 19.07 -10.33
C PHE B 82 -18.87 18.21 -9.26
N LEU B 83 -18.04 17.31 -9.74
CA LEU B 83 -17.22 16.46 -8.89
C LEU B 83 -16.30 17.31 -7.99
N CYS B 84 -15.83 18.45 -8.49
CA CYS B 84 -15.02 19.35 -7.70
C CYS B 84 -15.75 19.67 -6.40
N GLU B 85 -16.97 20.19 -6.54
CA GLU B 85 -17.85 20.45 -5.39
C GLU B 85 -17.96 19.21 -4.51
N LEU B 86 -18.35 18.08 -5.10
CA LEU B 86 -18.56 16.88 -4.29
C LEU B 86 -17.34 16.57 -3.42
N TRP B 87 -16.20 16.39 -4.08
CA TRP B 87 -14.92 16.14 -3.44
C TRP B 87 -14.61 17.12 -2.30
N THR B 88 -14.76 18.42 -2.55
CA THR B 88 -14.46 19.40 -1.50
C THR B 88 -15.39 19.24 -0.30
N SER B 89 -16.68 19.04 -0.56
CA SER B 89 -17.66 18.94 0.52
C SER B 89 -17.50 17.68 1.36
N LEU B 90 -16.90 16.66 0.73
CA LEU B 90 -16.50 15.44 1.42
C LEU B 90 -15.20 15.61 2.21
N ASP B 91 -14.24 16.32 1.61
CA ASP B 91 -13.04 16.79 2.32
C ASP B 91 -13.34 17.54 3.60
N VAL B 92 -14.41 18.32 3.60
CA VAL B 92 -14.85 18.98 4.83
C VAL B 92 -15.72 18.09 5.74
N LEU B 93 -16.64 17.34 5.12
CA LEU B 93 -17.55 16.49 5.87
C LEU B 93 -16.79 15.52 6.77
N CYS B 94 -15.82 14.82 6.20
CA CYS B 94 -14.99 13.92 7.00
C CYS B 94 -14.45 14.64 8.25
N VAL B 95 -14.20 15.94 8.10
CA VAL B 95 -13.67 16.75 9.19
C VAL B 95 -14.71 17.02 10.26
N THR B 96 -15.81 17.69 9.90
CA THR B 96 -16.86 17.97 10.90
C THR B 96 -17.35 16.69 11.60
N ALA B 97 -17.32 15.58 10.87
CA ALA B 97 -17.63 14.27 11.44
C ALA B 97 -16.59 13.87 12.46
N SER B 98 -15.31 14.02 12.09
CA SER B 98 -14.19 13.75 13.01
C SER B 98 -14.21 14.57 14.31
N ILE B 99 -14.08 15.89 14.20
CA ILE B 99 -14.17 16.71 15.39
C ILE B 99 -15.47 16.45 16.15
N GLU B 100 -16.63 16.61 15.49
CA GLU B 100 -17.92 16.50 16.20
C GLU B 100 -18.16 15.15 16.90
N THR B 101 -17.88 14.06 16.22
CA THR B 101 -17.88 12.74 16.84
C THR B 101 -16.96 12.74 18.06
N LEU B 102 -15.75 13.28 17.91
CA LEU B 102 -14.82 13.37 19.02
C LEU B 102 -15.44 14.07 20.21
N CYS B 103 -15.94 15.29 19.99
CA CYS B 103 -16.58 16.07 21.05
C CYS B 103 -17.71 15.27 21.70
N VAL B 104 -18.41 14.47 20.91
CA VAL B 104 -19.37 13.55 21.51
C VAL B 104 -18.63 12.61 22.48
N ILE B 105 -17.47 12.10 22.07
CA ILE B 105 -16.73 11.19 22.97
C ILE B 105 -16.41 11.88 24.28
N ALA B 106 -15.79 13.05 24.20
CA ALA B 106 -15.33 13.77 25.40
C ALA B 106 -16.51 14.24 26.25
N ILE B 107 -17.67 14.42 25.62
CA ILE B 107 -18.89 14.76 26.36
C ILE B 107 -19.51 13.51 26.99
N ASP B 108 -19.15 12.34 26.48
CA ASP B 108 -19.63 11.06 27.02
C ASP B 108 -18.89 10.70 28.29
N ARG B 109 -17.58 10.92 28.27
CA ARG B 109 -16.69 10.42 29.31
C ARG B 109 -16.64 11.33 30.53
N TYR B 110 -17.45 12.39 30.54
CA TYR B 110 -17.77 13.02 31.80
C TYR B 110 -18.87 12.18 32.44
N LEU B 111 -19.62 11.46 31.61
CA LEU B 111 -20.69 10.58 32.08
C LEU B 111 -20.17 9.20 32.48
N ALA B 112 -18.91 8.94 32.19
CA ALA B 112 -18.25 7.74 32.67
C ALA B 112 -17.51 8.07 33.96
N ILE B 113 -17.67 9.30 34.43
CA ILE B 113 -16.98 9.78 35.63
C ILE B 113 -17.90 10.29 36.76
N THR B 114 -18.50 11.47 36.59
CA THR B 114 -19.33 12.03 37.64
C THR B 114 -20.72 11.39 37.62
N SER B 115 -20.99 10.68 36.52
CA SER B 115 -22.27 10.01 36.38
C SER B 115 -22.10 8.57 35.89
N PRO B 116 -21.30 7.78 36.62
CA PRO B 116 -21.04 6.42 36.16
C PRO B 116 -22.25 5.53 36.36
N PHE B 117 -23.00 5.82 37.42
CA PHE B 117 -24.07 4.96 37.87
C PHE B 117 -25.07 4.69 36.77
N ARG B 118 -25.27 5.71 35.93
CA ARG B 118 -26.26 5.67 34.88
C ARG B 118 -25.72 5.22 33.52
N TYR B 119 -24.47 4.78 33.49
CA TYR B 119 -23.84 4.47 32.23
C TYR B 119 -24.79 3.71 31.31
N GLN B 120 -25.22 2.51 31.71
CA GLN B 120 -26.08 1.67 30.86
C GLN B 120 -27.56 2.10 30.80
N SER B 121 -28.00 2.90 31.77
CA SER B 121 -29.38 3.39 31.76
C SER B 121 -29.61 4.44 30.64
N LEU B 122 -28.78 5.48 30.64
CA LEU B 122 -28.88 6.55 29.63
C LEU B 122 -28.20 6.15 28.33
N MET B 123 -26.89 5.96 28.39
CA MET B 123 -26.14 5.55 27.22
C MET B 123 -26.41 4.06 27.02
N THR B 124 -27.00 3.72 25.88
CA THR B 124 -27.23 2.33 25.55
C THR B 124 -26.58 2.08 24.20
N ARG B 125 -26.06 0.88 23.99
CA ARG B 125 -25.47 0.57 22.70
C ARG B 125 -26.51 0.84 21.63
N ALA B 126 -27.77 0.95 22.07
CA ALA B 126 -28.88 1.37 21.23
C ALA B 126 -28.98 2.90 21.08
N ARG B 127 -28.66 3.63 22.14
CA ARG B 127 -28.85 5.09 22.16
C ARG B 127 -27.73 5.95 21.55
N ALA B 128 -26.51 5.41 21.42
CA ALA B 128 -25.40 6.17 20.84
C ALA B 128 -25.37 6.14 19.31
N LYS B 129 -26.02 5.13 18.73
CA LYS B 129 -26.11 4.99 17.28
C LYS B 129 -26.82 6.20 16.71
N VAL B 130 -27.93 6.55 17.34
CA VAL B 130 -28.71 7.70 16.91
C VAL B 130 -27.83 8.93 17.00
N ILE B 131 -27.00 9.00 18.05
CA ILE B 131 -26.16 10.18 18.27
C ILE B 131 -25.10 10.36 17.19
N ILE B 132 -24.45 9.28 16.81
CA ILE B 132 -23.53 9.35 15.70
C ILE B 132 -24.29 9.77 14.44
N CYS B 133 -25.47 9.18 14.25
CA CYS B 133 -26.31 9.53 13.11
C CYS B 133 -26.63 11.04 13.05
N THR B 134 -27.00 11.62 14.18
CA THR B 134 -27.26 13.06 14.31
C THR B 134 -25.99 13.87 14.02
N VAL B 135 -24.86 13.38 14.49
CA VAL B 135 -23.57 13.98 14.14
C VAL B 135 -23.40 14.05 12.61
N TRP B 136 -23.89 13.05 11.89
CA TRP B 136 -23.82 12.98 10.41
C TRP B 136 -25.02 13.54 9.62
N ALA B 137 -26.07 13.92 10.33
CA ALA B 137 -27.10 14.77 9.75
C ALA B 137 -26.65 16.22 9.85
N ILE B 138 -25.95 16.54 10.93
CA ILE B 138 -25.36 17.86 11.15
C ILE B 138 -24.13 18.11 10.29
N SER B 139 -23.21 17.16 10.30
CA SER B 139 -22.04 17.19 9.42
C SER B 139 -22.48 17.39 7.98
N ALA B 140 -23.46 16.59 7.55
CA ALA B 140 -23.98 16.61 6.17
C ALA B 140 -24.70 17.91 5.82
N LEU B 141 -25.55 18.37 6.74
CA LEU B 141 -26.26 19.61 6.53
C LEU B 141 -25.29 20.77 6.37
N VAL B 142 -24.45 20.94 7.39
CA VAL B 142 -23.50 22.06 7.48
C VAL B 142 -22.38 22.07 6.44
N SER B 143 -21.75 20.92 6.21
CA SER B 143 -20.74 20.84 5.16
C SER B 143 -21.35 20.93 3.77
N PHE B 144 -22.36 20.08 3.49
CA PHE B 144 -22.89 19.92 2.13
C PHE B 144 -23.88 20.97 1.62
N LEU B 145 -24.66 21.60 2.49
CA LEU B 145 -25.53 22.68 2.03
C LEU B 145 -24.80 23.94 1.55
N PRO B 146 -23.97 24.53 2.42
CA PRO B 146 -23.29 25.79 2.11
C PRO B 146 -22.30 25.72 0.95
N ILE B 147 -21.83 24.54 0.57
CA ILE B 147 -20.99 24.43 -0.61
C ILE B 147 -21.80 24.42 -1.91
N MET B 148 -22.91 23.68 -1.91
CA MET B 148 -23.79 23.63 -3.07
C MET B 148 -24.59 24.92 -3.23
N MET B 149 -24.57 25.74 -2.19
CA MET B 149 -25.24 27.03 -2.20
C MET B 149 -24.30 28.04 -2.83
N HIS B 150 -23.08 27.62 -3.08
CA HIS B 150 -22.02 28.54 -3.45
C HIS B 150 -22.07 29.73 -2.49
N TRP B 151 -22.40 29.46 -1.22
CA TRP B 151 -22.29 30.49 -0.19
C TRP B 151 -20.82 30.81 -0.04
N TRP B 152 -19.99 30.02 -0.70
CA TRP B 152 -18.54 30.18 -0.64
C TRP B 152 -17.98 30.94 -1.83
N ARG B 153 -18.82 31.36 -2.74
CA ARG B 153 -18.33 32.15 -3.87
C ARG B 153 -17.95 33.58 -3.42
N ASP B 154 -16.71 33.96 -3.72
CA ASP B 154 -16.26 35.33 -3.49
C ASP B 154 -16.31 36.01 -4.85
N GLU B 155 -16.93 37.19 -4.91
CA GLU B 155 -17.16 37.86 -6.19
C GLU B 155 -15.88 38.15 -6.98
N ASP B 156 -14.78 38.37 -6.27
CA ASP B 156 -13.52 38.78 -6.91
C ASP B 156 -13.10 37.87 -8.06
N PRO B 157 -12.54 38.48 -9.12
CA PRO B 157 -12.24 37.82 -10.38
C PRO B 157 -11.14 36.78 -10.22
N GLN B 158 -10.20 37.04 -9.32
CA GLN B 158 -9.16 36.08 -9.06
C GLN B 158 -9.82 34.74 -8.78
N ALA B 159 -10.74 34.73 -7.81
CA ALA B 159 -11.49 33.53 -7.42
C ALA B 159 -12.61 33.21 -8.42
N LEU B 160 -13.13 34.24 -9.07
CA LEU B 160 -14.21 34.10 -10.03
C LEU B 160 -13.78 33.13 -11.13
N LYS B 161 -12.55 33.34 -11.62
CA LYS B 161 -11.96 32.50 -12.65
C LYS B 161 -11.75 31.06 -12.19
N CYS B 162 -11.47 30.89 -10.89
CA CYS B 162 -11.30 29.55 -10.32
C CYS B 162 -12.65 28.84 -10.08
N TYR B 163 -13.73 29.63 -9.99
CA TYR B 163 -15.08 29.07 -9.89
C TYR B 163 -15.60 28.66 -11.28
N GLN B 164 -15.28 29.48 -12.28
CA GLN B 164 -15.72 29.19 -13.65
C GLN B 164 -14.83 28.19 -14.39
N ASP B 165 -13.52 28.25 -14.16
CA ASP B 165 -12.59 27.27 -14.71
C ASP B 165 -12.72 25.93 -13.98
N PRO B 166 -13.11 24.87 -14.70
CA PRO B 166 -13.30 23.54 -14.10
C PRO B 166 -12.02 22.98 -13.49
N GLY B 167 -10.87 23.49 -13.94
CA GLY B 167 -9.58 22.98 -13.52
C GLY B 167 -9.08 23.50 -12.18
N CYS B 168 -9.80 24.43 -11.57
CA CYS B 168 -9.42 24.90 -10.26
C CYS B 168 -10.44 24.47 -9.21
N CYS B 169 -10.07 23.47 -8.40
CA CYS B 169 -10.86 23.15 -7.24
C CYS B 169 -10.22 23.80 -6.03
N ASP B 170 -9.15 24.55 -6.28
CA ASP B 170 -8.49 25.29 -5.22
C ASP B 170 -9.60 26.03 -4.48
N PHE B 171 -9.61 25.88 -3.16
CA PHE B 171 -10.75 26.36 -2.40
C PHE B 171 -10.52 27.80 -2.01
N VAL B 172 -11.32 28.68 -2.58
CA VAL B 172 -11.25 30.08 -2.24
C VAL B 172 -12.67 30.49 -1.89
N THR B 173 -12.82 31.18 -0.78
CA THR B 173 -14.16 31.50 -0.31
C THR B 173 -14.34 32.97 0.05
N ASN B 174 -15.60 33.37 0.17
CA ASN B 174 -15.95 34.74 0.53
C ASN B 174 -15.53 35.06 1.95
N ARG B 175 -15.54 36.35 2.28
CA ARG B 175 -15.16 36.79 3.61
C ARG B 175 -15.79 35.93 4.70
N ALA B 176 -17.13 35.95 4.78
CA ALA B 176 -17.87 35.37 5.91
C ALA B 176 -18.12 33.85 5.87
N TYR B 177 -17.94 33.20 4.73
CA TYR B 177 -17.97 31.75 4.73
C TYR B 177 -16.64 31.26 5.31
N ALA B 178 -15.61 32.08 5.15
CA ALA B 178 -14.28 31.78 5.67
C ALA B 178 -14.24 32.14 7.15
N ILE B 179 -15.40 32.54 7.67
CA ILE B 179 -15.59 32.74 9.10
C ILE B 179 -16.50 31.65 9.69
N ALA B 180 -17.73 31.61 9.20
CA ALA B 180 -18.72 30.59 9.59
C ALA B 180 -18.13 29.19 9.51
N SER B 181 -17.49 28.90 8.39
CA SER B 181 -16.95 27.57 8.16
C SER B 181 -16.17 27.19 9.40
N SER B 182 -15.20 28.03 9.77
CA SER B 182 -14.22 27.72 10.81
C SER B 182 -14.78 27.72 12.23
N ILE B 183 -15.55 28.76 12.56
CA ILE B 183 -16.24 28.77 13.84
C ILE B 183 -17.00 27.47 14.04
N ILE B 184 -17.97 27.22 13.17
CA ILE B 184 -18.83 26.04 13.35
C ILE B 184 -18.07 24.71 13.28
N SER B 185 -17.45 24.44 12.14
CA SER B 185 -16.94 23.09 11.88
C SER B 185 -15.56 22.82 12.51
N PHE B 186 -14.97 23.82 13.15
CA PHE B 186 -13.71 23.61 13.89
C PHE B 186 -13.67 24.16 15.31
N TYR B 187 -13.84 25.48 15.44
CA TYR B 187 -13.47 26.14 16.67
C TYR B 187 -14.38 25.80 17.84
N ILE B 188 -15.63 26.21 17.80
CA ILE B 188 -16.47 25.95 18.97
C ILE B 188 -16.46 24.46 19.39
N PRO B 189 -16.58 23.51 18.44
CA PRO B 189 -16.52 22.12 18.92
C PRO B 189 -15.17 21.77 19.53
N LEU B 190 -14.08 22.33 19.01
CA LEU B 190 -12.77 22.05 19.58
C LEU B 190 -12.66 22.59 21.00
N LEU B 191 -12.94 23.88 21.17
CA LEU B 191 -12.81 24.54 22.46
C LEU B 191 -13.75 23.86 23.44
N ILE B 192 -14.83 23.31 22.90
CA ILE B 192 -15.82 22.63 23.72
C ILE B 192 -15.31 21.26 24.14
N MET B 193 -14.65 20.52 23.26
CA MET B 193 -14.21 19.19 23.63
C MET B 193 -12.89 19.19 24.39
N ILE B 194 -12.11 20.25 24.26
CA ILE B 194 -10.91 20.46 25.07
C ILE B 194 -11.33 20.94 26.45
N PHE B 195 -12.26 21.90 26.45
CA PHE B 195 -12.93 22.35 27.65
C PHE B 195 -13.47 21.14 28.43
N VAL B 196 -14.15 20.23 27.72
CA VAL B 196 -14.78 19.05 28.34
C VAL B 196 -13.80 17.92 28.66
N ALA B 197 -12.70 17.85 27.91
CA ALA B 197 -11.63 16.93 28.24
C ALA B 197 -11.06 17.31 29.59
N LEU B 198 -10.92 18.62 29.80
CA LEU B 198 -10.29 19.12 31.02
C LEU B 198 -10.93 18.66 32.33
N ARG B 199 -12.22 18.96 32.54
CA ARG B 199 -12.86 18.58 33.80
C ARG B 199 -12.79 17.06 34.01
N VAL B 200 -12.87 16.31 32.90
CA VAL B 200 -12.70 14.86 32.96
C VAL B 200 -11.31 14.49 33.49
N TYR B 201 -10.26 15.15 33.00
CA TYR B 201 -8.91 14.86 33.48
C TYR B 201 -8.58 15.50 34.84
N ARG B 202 -9.49 16.33 35.35
CA ARG B 202 -9.42 16.80 36.73
C ARG B 202 -10.01 15.78 37.68
N GLU B 203 -11.13 15.17 37.27
CA GLU B 203 -11.77 14.17 38.10
C GLU B 203 -10.96 12.87 38.10
N ALA B 204 -10.13 12.72 37.07
CA ALA B 204 -9.32 11.52 36.92
C ALA B 204 -8.11 11.50 37.84
N LYS B 205 -7.70 12.68 38.30
CA LYS B 205 -6.60 12.78 39.27
C LYS B 205 -7.09 12.44 40.68
N GLU B 206 -8.34 12.79 40.97
CA GLU B 206 -8.89 12.65 42.32
C GLU B 206 -8.84 11.22 42.85
N GLN B 207 -8.70 10.26 41.95
CA GLN B 207 -8.69 8.85 42.33
C GLN B 207 -7.58 8.53 43.33
N ILE B 208 -6.34 8.77 42.94
CA ILE B 208 -5.19 8.43 43.76
C ILE B 208 -4.73 9.62 44.58
N VAL B 220 -11.25 -1.97 42.94
CA VAL B 220 -9.86 -2.34 43.18
C VAL B 220 -8.94 -1.85 42.05
N MET B 221 -9.09 -2.39 40.85
CA MET B 221 -8.25 -1.95 39.73
C MET B 221 -8.99 -1.11 38.69
N LEU B 222 -8.72 0.19 38.70
CA LEU B 222 -9.20 1.12 37.68
C LEU B 222 -8.12 1.47 36.65
N MET B 223 -6.91 0.94 36.84
CA MET B 223 -5.80 1.30 35.96
C MET B 223 -6.16 1.07 34.50
N ARG B 224 -6.80 -0.06 34.20
CA ARG B 224 -7.28 -0.34 32.85
C ARG B 224 -8.06 0.85 32.31
N GLU B 225 -8.95 1.37 33.14
CA GLU B 225 -9.74 2.56 32.81
C GLU B 225 -8.83 3.71 32.36
N HIS B 226 -7.70 3.87 33.04
CA HIS B 226 -6.78 4.97 32.79
C HIS B 226 -5.87 4.80 31.56
N LYS B 227 -5.39 3.58 31.34
CA LYS B 227 -4.60 3.29 30.15
C LYS B 227 -5.50 3.36 28.90
N ALA B 228 -6.78 3.06 29.08
CA ALA B 228 -7.74 3.19 27.99
C ALA B 228 -8.19 4.64 27.81
N LEU B 229 -8.06 5.44 28.88
CA LEU B 229 -8.41 6.86 28.83
C LEU B 229 -7.34 7.72 28.14
N LYS B 230 -6.10 7.55 28.57
CA LYS B 230 -5.01 8.37 28.08
C LYS B 230 -4.91 8.24 26.58
N THR B 231 -5.14 7.03 26.09
CA THR B 231 -5.09 6.75 24.66
C THR B 231 -6.24 7.44 23.91
N LEU B 232 -7.31 7.79 24.61
CA LEU B 232 -8.33 8.65 24.00
C LEU B 232 -7.84 10.09 24.01
N GLY B 233 -7.20 10.51 25.09
CA GLY B 233 -6.63 11.84 25.16
C GLY B 233 -5.73 12.12 23.97
N ILE B 234 -4.86 11.15 23.69
CA ILE B 234 -3.94 11.25 22.56
C ILE B 234 -4.69 11.63 21.29
N ILE B 235 -5.77 10.91 20.97
CA ILE B 235 -6.50 11.15 19.72
C ILE B 235 -6.80 12.63 19.47
N MET B 236 -7.35 13.29 20.48
CA MET B 236 -7.71 14.69 20.35
C MET B 236 -6.48 15.59 20.40
N GLY B 237 -5.44 15.13 21.09
CA GLY B 237 -4.21 15.89 21.09
C GLY B 237 -3.63 15.96 19.69
N VAL B 238 -3.38 14.80 19.12
CA VAL B 238 -2.82 14.70 17.79
C VAL B 238 -3.73 15.36 16.79
N PHE B 239 -5.04 15.17 16.95
CA PHE B 239 -6.00 15.79 16.05
C PHE B 239 -5.79 17.30 16.09
N THR B 240 -5.90 17.88 17.27
CA THR B 240 -5.72 19.32 17.42
C THR B 240 -4.40 19.79 16.81
N LEU B 241 -3.33 19.01 16.95
CA LEU B 241 -2.05 19.44 16.41
C LEU B 241 -1.99 19.32 14.91
N CYS B 242 -2.79 18.42 14.36
CA CYS B 242 -2.85 18.20 12.92
C CYS B 242 -3.75 19.16 12.16
N TRP B 243 -4.95 19.40 12.68
CA TRP B 243 -5.86 20.33 12.03
C TRP B 243 -5.98 21.73 12.62
N LEU B 244 -5.29 21.97 13.73
CA LEU B 244 -5.22 23.34 14.29
C LEU B 244 -4.33 24.29 13.49
N PRO B 245 -3.12 23.84 13.12
CA PRO B 245 -2.21 24.70 12.37
C PRO B 245 -2.81 25.12 11.03
N PHE B 246 -3.63 24.25 10.46
CA PHE B 246 -4.33 24.54 9.21
C PHE B 246 -5.54 25.45 9.44
N PHE B 247 -6.34 25.13 10.45
CA PHE B 247 -7.53 25.92 10.79
C PHE B 247 -7.18 27.12 11.69
N LEU B 248 -5.90 27.28 12.02
CA LEU B 248 -5.40 28.56 12.51
C LEU B 248 -5.10 29.47 11.32
N VAL B 249 -4.49 28.89 10.29
CA VAL B 249 -4.08 29.63 9.09
C VAL B 249 -5.24 30.39 8.48
N ASN B 250 -6.31 29.67 8.17
CA ASN B 250 -7.40 30.22 7.40
C ASN B 250 -7.97 31.49 8.02
N ILE B 251 -7.67 31.72 9.30
CA ILE B 251 -8.05 32.98 9.92
C ILE B 251 -7.11 34.10 9.51
N VAL B 252 -5.82 33.81 9.46
CA VAL B 252 -4.85 34.79 8.99
C VAL B 252 -5.13 35.03 7.50
N ASN B 253 -5.73 34.04 6.86
CA ASN B 253 -6.23 34.20 5.50
C ASN B 253 -7.14 35.41 5.43
N VAL B 254 -7.98 35.58 6.45
CA VAL B 254 -8.87 36.73 6.51
C VAL B 254 -8.12 38.02 6.88
N PHE B 255 -7.30 37.96 7.91
CA PHE B 255 -6.65 39.16 8.43
C PHE B 255 -5.54 39.74 7.55
N ASN B 256 -4.54 38.92 7.20
CA ASN B 256 -3.48 39.34 6.30
C ASN B 256 -3.25 38.30 5.21
N ARG B 257 -3.52 38.66 3.97
CA ARG B 257 -3.49 37.68 2.88
C ARG B 257 -2.09 37.20 2.51
N ASP B 258 -1.19 38.13 2.19
CA ASP B 258 0.13 37.76 1.69
C ASP B 258 1.14 37.46 2.80
N LEU B 259 0.72 37.61 4.06
CA LEU B 259 1.55 37.20 5.18
C LEU B 259 1.49 35.68 5.29
N VAL B 260 0.58 35.08 4.53
CA VAL B 260 0.42 33.62 4.55
C VAL B 260 0.77 32.99 3.20
N PRO B 261 1.99 32.43 3.09
CA PRO B 261 2.44 31.72 1.89
C PRO B 261 1.45 30.64 1.49
N ASP B 262 1.30 30.39 0.19
CA ASP B 262 0.24 29.51 -0.31
C ASP B 262 0.65 28.04 -0.46
N TRP B 263 1.93 27.74 -0.28
CA TRP B 263 2.36 26.33 -0.31
C TRP B 263 2.06 25.69 1.04
N LEU B 264 2.24 26.46 2.11
CA LEU B 264 1.88 26.04 3.45
C LEU B 264 0.39 25.72 3.51
N PHE B 265 -0.41 26.51 2.79
CA PHE B 265 -1.86 26.34 2.76
C PHE B 265 -2.20 24.91 2.35
N VAL B 266 -1.39 24.34 1.46
CA VAL B 266 -1.54 22.94 1.09
C VAL B 266 -0.87 21.98 2.09
N ALA B 267 0.34 22.33 2.52
CA ALA B 267 1.11 21.50 3.43
C ALA B 267 0.33 21.14 4.69
N PHE B 268 -0.51 22.06 5.16
CA PHE B 268 -1.29 21.83 6.37
C PHE B 268 -2.56 21.00 6.15
N ASN B 269 -3.22 21.18 4.99
CA ASN B 269 -4.37 20.33 4.67
C ASN B 269 -3.91 18.89 4.47
N TRP B 270 -2.68 18.71 3.99
CA TRP B 270 -2.13 17.36 3.95
C TRP B 270 -1.70 16.88 5.33
N LEU B 271 -0.98 17.71 6.07
CA LEU B 271 -0.56 17.39 7.42
C LEU B 271 -1.77 16.85 8.16
N GLY B 272 -2.92 17.47 7.93
CA GLY B 272 -4.17 17.05 8.53
C GLY B 272 -4.70 15.77 7.93
N TYR B 273 -4.60 15.62 6.61
CA TYR B 273 -5.01 14.36 6.01
C TYR B 273 -4.35 13.24 6.79
N ALA B 274 -3.11 13.46 7.20
CA ALA B 274 -2.32 12.47 7.92
C ALA B 274 -3.06 11.90 9.13
N ASN B 275 -3.94 12.70 9.73
CA ASN B 275 -4.68 12.25 10.88
C ASN B 275 -5.23 10.88 10.57
N SER B 276 -5.95 10.78 9.45
CA SER B 276 -6.64 9.55 9.08
C SER B 276 -5.75 8.31 9.23
N ALA B 277 -4.56 8.37 8.66
CA ALA B 277 -3.63 7.23 8.72
C ALA B 277 -3.00 7.12 10.10
N MET B 278 -3.08 8.20 10.87
CA MET B 278 -2.53 8.21 12.22
C MET B 278 -3.46 7.48 13.19
N ASN B 279 -4.76 7.56 12.95
CA ASN B 279 -5.74 7.03 13.91
C ASN B 279 -5.65 5.54 14.25
N PRO B 280 -5.78 4.66 13.24
CA PRO B 280 -5.79 3.22 13.55
C PRO B 280 -4.57 2.79 14.32
N ILE B 281 -3.47 3.54 14.18
CA ILE B 281 -2.20 3.20 14.80
C ILE B 281 -2.06 3.78 16.21
N ILE B 282 -3.04 4.55 16.65
CA ILE B 282 -3.12 4.93 18.04
C ILE B 282 -3.92 3.85 18.77
N TYR B 283 -4.53 2.97 17.99
CA TYR B 283 -5.30 1.87 18.53
C TYR B 283 -4.45 0.63 18.69
N CYS B 284 -3.17 0.75 18.35
CA CYS B 284 -2.23 -0.33 18.62
C CYS B 284 -1.97 -0.40 20.11
N ARG B 285 -2.53 0.55 20.85
CA ARG B 285 -2.31 0.64 22.30
C ARG B 285 -3.21 -0.27 23.17
N SER B 286 -4.32 -0.74 22.62
CA SER B 286 -5.21 -1.63 23.37
C SER B 286 -4.99 -3.09 23.00
N PRO B 287 -4.70 -3.93 24.00
CA PRO B 287 -4.56 -5.38 23.79
C PRO B 287 -5.91 -6.01 23.45
N ASP B 288 -7.00 -5.43 23.95
CA ASP B 288 -8.34 -5.82 23.54
C ASP B 288 -8.36 -5.82 22.03
N PHE B 289 -7.79 -4.77 21.48
CA PHE B 289 -7.74 -4.56 20.05
C PHE B 289 -6.70 -5.46 19.38
N ARG B 290 -5.48 -5.50 19.90
CA ARG B 290 -4.41 -6.24 19.26
C ARG B 290 -4.73 -7.73 19.17
N LYS B 291 -5.47 -8.25 20.15
CA LYS B 291 -5.85 -9.66 20.16
C LYS B 291 -6.78 -9.99 19.00
N ALA B 292 -7.64 -9.03 18.67
CA ALA B 292 -8.52 -9.17 17.53
C ALA B 292 -7.80 -8.77 16.24
N PHE B 293 -6.65 -8.11 16.38
CA PHE B 293 -5.82 -7.70 15.25
C PHE B 293 -4.98 -8.85 14.74
N LYS B 294 -4.55 -9.72 15.66
CA LYS B 294 -3.68 -10.82 15.29
C LYS B 294 -4.47 -11.88 14.53
N ARG B 295 -5.44 -12.49 15.22
CA ARG B 295 -6.27 -13.53 14.62
C ARG B 295 -7.02 -13.02 13.40
N LEU B 296 -7.20 -11.72 13.34
CA LEU B 296 -7.89 -11.10 12.21
C LEU B 296 -7.21 -11.46 10.89
#